data_5ZWZ
#
_entry.id   5ZWZ
#
_cell.length_a   57.177
_cell.length_b   57.177
_cell.length_c   206.430
_cell.angle_alpha   90.00
_cell.angle_beta   90.00
_cell.angle_gamma   120.00
#
_symmetry.space_group_name_H-M   'P 65 2 2'
#
loop_
_entity.id
_entity.type
_entity.pdbx_description
1 polymer 'Agenet domain-containing protein'
2 water water
#
_entity_poly.entity_id   1
_entity_poly.type   'polypeptide(L)'
_entity_poly.pdbx_seq_one_letter_code
;SEDEEDILARVDLETTRAIAKQ(MSE)FSSGTVVEVSSDEEGFQGCWFAAKVVEPVGEDKFLVEYRDLREKDGIEPLKEE
TDFLHIRPPPPRDEDIDFAVGDKINAFYNDGWWVGVVIDG(MSE)KHGTVGIYFRQSQEK(MSE)RFGRQGLRLHKDWVD
GTWQLPLKGGKIKREKTVS
;
_entity_poly.pdbx_strand_id   A
#
# COMPACT_ATOMS: atom_id res chain seq x y z
N ALA A 9 -17.85 6.12 1.80
CA ALA A 9 -18.09 6.71 0.50
C ALA A 9 -17.27 7.98 0.33
N ARG A 10 -16.01 7.81 -0.08
CA ARG A 10 -15.22 8.97 -0.44
C ARG A 10 -14.57 8.62 -1.79
N VAL A 11 -14.95 7.45 -2.32
CA VAL A 11 -14.65 7.08 -3.70
C VAL A 11 -15.98 6.76 -4.40
N ASP A 12 -15.96 6.88 -5.73
CA ASP A 12 -17.13 6.61 -6.56
C ASP A 12 -16.97 5.25 -7.24
N LEU A 13 -17.93 4.37 -7.01
CA LEU A 13 -17.86 2.99 -7.47
C LEU A 13 -17.71 2.86 -8.98
N GLU A 14 -18.57 3.56 -9.72
CA GLU A 14 -18.57 3.53 -11.18
C GLU A 14 -17.20 3.90 -11.75
N THR A 15 -16.71 5.05 -11.31
CA THR A 15 -15.44 5.58 -11.79
C THR A 15 -14.28 4.67 -11.39
N THR A 16 -14.27 4.22 -10.14
CA THR A 16 -13.21 3.38 -9.63
C THR A 16 -13.11 2.09 -10.42
N ARG A 17 -14.27 1.48 -10.67
CA ARG A 17 -14.30 0.25 -11.46
C ARG A 17 -13.77 0.50 -12.87
N ALA A 18 -14.20 1.60 -13.49
CA ALA A 18 -13.74 1.92 -14.84
C ALA A 18 -12.23 2.12 -14.91
N ILE A 19 -11.70 2.91 -13.99
CA ILE A 19 -10.28 3.22 -13.92
C ILE A 19 -9.46 1.95 -13.67
N ALA A 20 -9.95 1.11 -12.76
CA ALA A 20 -9.28 -0.14 -12.46
C ALA A 20 -9.25 -1.06 -13.67
N LYS A 21 -10.36 -1.11 -14.39
CA LYS A 21 -10.43 -1.89 -15.62
C LYS A 21 -9.44 -1.36 -16.64
N GLN A 22 -9.30 -0.04 -16.72
CA GLN A 22 -8.39 0.56 -17.68
C GLN A 22 -6.92 0.29 -17.37
N MSE A 23 -6.54 0.44 -16.10
CA MSE A 23 -5.13 0.49 -15.75
C MSE A 23 -4.53 -0.84 -15.34
O MSE A 23 -3.33 -1.08 -15.56
CB MSE A 23 -4.92 1.50 -14.62
CG MSE A 23 -5.24 2.92 -15.04
SE MSE A 23 -4.86 4.15 -13.58
CE MSE A 23 -2.95 3.84 -13.42
N PHE A 24 -5.32 -1.72 -14.75
CA PHE A 24 -4.77 -2.93 -14.17
C PHE A 24 -4.92 -4.12 -15.10
N SER A 25 -4.13 -4.12 -16.16
CA SER A 25 -4.08 -5.22 -17.10
C SER A 25 -2.98 -6.21 -16.68
N SER A 26 -2.88 -7.32 -17.41
CA SER A 26 -1.85 -8.32 -17.13
C SER A 26 -0.46 -7.70 -17.17
N GLY A 27 0.36 -7.99 -16.16
CA GLY A 27 1.72 -7.49 -16.11
C GLY A 27 1.88 -6.18 -15.36
N THR A 28 0.77 -5.52 -15.07
CA THR A 28 0.80 -4.23 -14.38
C THR A 28 1.18 -4.36 -12.91
N VAL A 29 2.18 -3.59 -12.49
CA VAL A 29 2.58 -3.59 -11.09
C VAL A 29 1.61 -2.72 -10.28
N VAL A 30 1.19 -3.24 -9.14
CA VAL A 30 0.18 -2.58 -8.32
C VAL A 30 0.47 -2.77 -6.84
N GLU A 31 -0.36 -2.16 -6.01
CA GLU A 31 -0.42 -2.46 -4.60
C GLU A 31 -1.83 -2.94 -4.29
N VAL A 32 -1.95 -3.91 -3.38
CA VAL A 32 -3.26 -4.41 -3.00
C VAL A 32 -3.39 -4.41 -1.49
N SER A 33 -4.61 -4.20 -1.02
CA SER A 33 -4.88 -4.15 0.41
C SER A 33 -5.78 -5.31 0.80
N SER A 34 -6.00 -5.45 2.11
CA SER A 34 -6.81 -6.56 2.62
C SER A 34 -7.81 -6.08 3.66
N ASP A 35 -8.96 -6.75 3.71
CA ASP A 35 -9.99 -6.47 4.71
C ASP A 35 -9.84 -7.37 5.93
N GLU A 36 -8.88 -8.29 5.86
CA GLU A 36 -8.66 -9.24 6.94
C GLU A 36 -8.17 -8.54 8.20
N GLU A 37 -8.59 -9.04 9.36
CA GLU A 37 -8.28 -8.41 10.64
C GLU A 37 -6.78 -8.27 10.87
N GLY A 38 -6.36 -7.10 11.34
CA GLY A 38 -4.96 -6.83 11.62
C GLY A 38 -4.22 -6.33 10.39
N PHE A 39 -4.92 -6.27 9.27
CA PHE A 39 -4.31 -5.85 8.01
C PHE A 39 -4.87 -4.53 7.48
N GLN A 40 -5.72 -3.89 8.29
CA GLN A 40 -6.22 -2.56 7.93
C GLN A 40 -5.07 -1.58 7.85
N GLY A 41 -5.07 -0.75 6.81
CA GLY A 41 -4.01 0.20 6.61
C GLY A 41 -2.68 -0.47 6.25
N CYS A 42 -2.74 -1.40 5.31
CA CYS A 42 -1.52 -2.01 4.79
C CYS A 42 -1.63 -2.27 3.30
N TRP A 43 -0.58 -1.91 2.57
CA TRP A 43 -0.54 -2.12 1.13
C TRP A 43 0.62 -3.03 0.78
N PHE A 44 0.33 -4.09 0.02
CA PHE A 44 1.34 -5.05 -0.39
C PHE A 44 1.64 -4.91 -1.87
N ALA A 45 2.91 -5.01 -2.24
CA ALA A 45 3.29 -4.93 -3.64
C ALA A 45 2.88 -6.20 -4.36
N ALA A 46 2.39 -6.05 -5.59
CA ALA A 46 1.94 -7.19 -6.36
C ALA A 46 1.95 -6.89 -7.85
N LYS A 47 1.63 -7.89 -8.65
CA LYS A 47 1.54 -7.72 -10.09
C LYS A 47 0.32 -8.47 -10.62
N VAL A 48 -0.44 -7.80 -11.47
CA VAL A 48 -1.64 -8.42 -12.04
C VAL A 48 -1.26 -9.57 -12.96
N VAL A 49 -1.78 -10.76 -12.65
CA VAL A 49 -1.70 -11.91 -13.53
C VAL A 49 -2.71 -11.74 -14.66
N GLU A 50 -3.96 -11.54 -14.29
CA GLU A 50 -5.04 -11.32 -15.25
C GLU A 50 -6.29 -10.82 -14.54
N PRO A 51 -7.09 -10.00 -15.24
CA PRO A 51 -8.39 -9.58 -14.71
C PRO A 51 -9.32 -10.77 -14.59
N VAL A 52 -10.25 -10.73 -13.63
CA VAL A 52 -11.23 -11.79 -13.45
C VAL A 52 -12.63 -11.19 -13.34
N GLY A 53 -13.51 -11.57 -14.26
CA GLY A 53 -14.84 -10.99 -14.33
C GLY A 53 -14.73 -9.51 -14.62
N GLU A 54 -15.69 -8.73 -14.12
CA GLU A 54 -15.69 -7.30 -14.35
C GLU A 54 -15.18 -6.52 -13.13
N ASP A 55 -15.05 -7.20 -12.00
CA ASP A 55 -14.75 -6.50 -10.74
C ASP A 55 -13.44 -6.92 -10.09
N LYS A 56 -12.85 -8.03 -10.55
CA LYS A 56 -11.73 -8.61 -9.83
C LYS A 56 -10.46 -8.82 -10.67
N PHE A 57 -9.36 -9.06 -9.97
CA PHE A 57 -8.05 -9.25 -10.57
C PHE A 57 -7.27 -10.31 -9.82
N LEU A 58 -6.78 -11.31 -10.54
CA LEU A 58 -5.84 -12.26 -9.97
C LEU A 58 -4.48 -11.58 -9.89
N VAL A 59 -3.88 -11.56 -8.71
CA VAL A 59 -2.57 -10.93 -8.55
C VAL A 59 -1.57 -11.88 -7.92
N GLU A 60 -0.30 -11.63 -8.22
CA GLU A 60 0.81 -12.37 -7.64
C GLU A 60 1.65 -11.41 -6.80
N TYR A 61 1.77 -11.70 -5.51
CA TYR A 61 2.45 -10.80 -4.60
C TYR A 61 3.95 -10.78 -4.84
N ARG A 62 4.54 -9.60 -4.73
CA ARG A 62 5.97 -9.44 -4.91
C ARG A 62 6.74 -10.07 -3.76
N ASP A 63 6.23 -9.89 -2.54
CA ASP A 63 6.96 -10.30 -1.35
C ASP A 63 6.27 -11.43 -0.58
N LEU A 64 4.94 -11.40 -0.54
CA LEU A 64 4.20 -12.43 0.19
C LEU A 64 4.35 -13.79 -0.48
N ARG A 65 4.40 -14.84 0.33
CA ARG A 65 4.64 -16.18 -0.19
C ARG A 65 3.53 -17.15 0.21
N GLU A 66 3.46 -18.28 -0.49
CA GLU A 66 2.61 -19.38 -0.06
C GLU A 66 3.21 -20.00 1.20
N LYS A 67 2.58 -21.04 1.72
CA LYS A 67 2.96 -21.56 3.03
C LYS A 67 4.32 -22.23 3.06
N ASP A 68 4.87 -22.60 1.90
CA ASP A 68 6.20 -23.19 1.88
C ASP A 68 7.28 -22.10 1.97
N GLY A 69 6.85 -20.85 1.88
CA GLY A 69 7.75 -19.71 1.97
C GLY A 69 8.56 -19.46 0.71
N ILE A 70 8.24 -20.19 -0.36
CA ILE A 70 9.05 -20.12 -1.58
C ILE A 70 8.25 -19.54 -2.75
N GLU A 71 7.11 -20.15 -3.05
CA GLU A 71 6.28 -19.70 -4.17
C GLU A 71 5.54 -18.41 -3.83
N PRO A 72 5.52 -17.46 -4.78
CA PRO A 72 4.80 -16.21 -4.59
C PRO A 72 3.33 -16.44 -4.32
N LEU A 73 2.77 -15.72 -3.36
CA LEU A 73 1.35 -15.81 -3.07
C LEU A 73 0.53 -15.29 -4.26
N LYS A 74 -0.53 -16.01 -4.60
CA LYS A 74 -1.46 -15.59 -5.64
C LYS A 74 -2.88 -15.52 -5.08
N GLU A 75 -3.57 -14.39 -5.32
CA GLU A 75 -4.88 -14.17 -4.74
C GLU A 75 -5.78 -13.32 -5.64
N GLU A 76 -7.08 -13.51 -5.54
CA GLU A 76 -8.02 -12.62 -6.20
C GLU A 76 -8.29 -11.41 -5.31
N THR A 77 -8.30 -10.22 -5.92
CA THR A 77 -8.64 -9.00 -5.20
C THR A 77 -9.65 -8.19 -6.04
N ASP A 78 -10.46 -7.36 -5.40
CA ASP A 78 -11.44 -6.59 -6.15
C ASP A 78 -10.95 -5.19 -6.46
N PHE A 79 -11.71 -4.45 -7.25
CA PHE A 79 -11.28 -3.13 -7.73
C PHE A 79 -11.20 -2.09 -6.61
N LEU A 80 -11.80 -2.39 -5.46
CA LEU A 80 -11.74 -1.47 -4.32
C LEU A 80 -10.48 -1.67 -3.48
N HIS A 81 -9.73 -2.74 -3.77
CA HIS A 81 -8.55 -3.05 -2.95
C HIS A 81 -7.28 -3.16 -3.78
N ILE A 82 -7.27 -2.51 -4.94
CA ILE A 82 -6.11 -2.50 -5.81
C ILE A 82 -5.85 -1.07 -6.26
N ARG A 83 -4.58 -0.69 -6.36
CA ARG A 83 -4.22 0.65 -6.76
C ARG A 83 -2.85 0.64 -7.45
N PRO A 84 -2.50 1.71 -8.16
CA PRO A 84 -1.15 1.73 -8.73
C PRO A 84 -0.10 2.06 -7.66
N PRO A 85 1.18 1.85 -7.96
CA PRO A 85 2.20 2.28 -6.99
C PRO A 85 2.23 3.80 -6.90
N PRO A 86 2.26 4.35 -5.67
CA PRO A 86 2.25 5.81 -5.55
C PRO A 86 3.59 6.41 -5.97
N PRO A 87 3.58 7.65 -6.48
CA PRO A 87 4.83 8.38 -6.71
C PRO A 87 5.57 8.55 -5.38
N ARG A 88 6.89 8.55 -5.40
CA ARG A 88 7.67 8.28 -4.19
C ARG A 88 8.17 9.53 -3.44
N ASP A 89 8.17 10.68 -4.11
CA ASP A 89 8.79 11.94 -3.65
C ASP A 89 9.78 11.86 -2.48
N GLU A 90 11.06 11.73 -2.79
CA GLU A 90 12.06 11.59 -1.75
C GLU A 90 12.79 12.90 -1.43
N ASP A 91 12.26 14.03 -1.91
CA ASP A 91 12.75 15.34 -1.49
C ASP A 91 12.21 15.68 -0.11
N ILE A 92 11.31 14.83 0.38
CA ILE A 92 10.52 15.11 1.58
C ILE A 92 11.29 14.94 2.89
N ASP A 93 11.16 15.93 3.77
CA ASP A 93 11.55 15.77 5.16
C ASP A 93 10.27 15.59 5.99
N PHE A 94 10.22 14.52 6.77
CA PHE A 94 9.04 14.23 7.57
C PHE A 94 8.92 15.17 8.77
N ALA A 95 7.69 15.56 9.09
CA ALA A 95 7.43 16.37 10.27
C ALA A 95 6.56 15.58 11.24
N VAL A 96 6.64 15.94 12.52
CA VAL A 96 5.84 15.29 13.55
C VAL A 96 4.35 15.41 13.21
N GLY A 97 3.64 14.29 13.22
CA GLY A 97 2.23 14.28 12.89
C GLY A 97 1.94 13.84 11.47
N ASP A 98 2.97 13.74 10.64
CA ASP A 98 2.79 13.28 9.26
C ASP A 98 2.27 11.86 9.22
N LYS A 99 1.22 11.62 8.43
CA LYS A 99 0.75 10.26 8.20
C LYS A 99 1.61 9.60 7.14
N ILE A 100 2.26 8.51 7.51
CA ILE A 100 3.21 7.84 6.62
C ILE A 100 2.88 6.37 6.39
N ASN A 101 3.65 5.75 5.51
CA ASN A 101 3.73 4.31 5.39
C ASN A 101 5.16 3.86 5.66
N ALA A 102 5.29 2.77 6.39
CA ALA A 102 6.58 2.19 6.72
C ALA A 102 6.66 0.77 6.20
N PHE A 103 7.75 0.44 5.51
CA PHE A 103 7.88 -0.89 4.94
C PHE A 103 8.52 -1.86 5.92
N TYR A 104 7.73 -2.81 6.39
CA TYR A 104 8.28 -3.92 7.14
C TYR A 104 7.25 -5.03 7.16
N ASN A 105 7.69 -6.22 7.59
CA ASN A 105 6.90 -7.43 7.49
C ASN A 105 6.22 -7.56 6.13
N ASP A 106 7.00 -7.32 5.07
CA ASP A 106 6.60 -7.50 3.69
C ASP A 106 5.50 -6.55 3.23
N GLY A 107 5.25 -5.48 3.98
CA GLY A 107 4.19 -4.56 3.60
C GLY A 107 4.42 -3.12 3.97
N TRP A 108 3.66 -2.24 3.32
CA TRP A 108 3.64 -0.82 3.67
C TRP A 108 2.53 -0.56 4.68
N TRP A 109 2.91 -0.30 5.92
CA TRP A 109 1.95 -0.14 7.01
C TRP A 109 1.75 1.32 7.37
N VAL A 110 0.50 1.70 7.59
CA VAL A 110 0.18 3.07 7.96
C VAL A 110 0.68 3.39 9.37
N GLY A 111 1.39 4.50 9.50
CA GLY A 111 1.88 4.92 10.79
C GLY A 111 1.91 6.44 10.89
N VAL A 112 2.35 6.94 12.03
CA VAL A 112 2.45 8.38 12.23
C VAL A 112 3.86 8.76 12.71
N VAL A 113 4.40 9.85 12.18
CA VAL A 113 5.70 10.36 12.60
C VAL A 113 5.60 11.02 13.97
N ILE A 114 6.39 10.55 14.94
CA ILE A 114 6.34 11.13 16.28
C ILE A 114 7.61 11.88 16.64
N ASP A 115 8.63 11.76 15.79
CA ASP A 115 9.89 12.46 16.00
C ASP A 115 10.62 12.65 14.67
N GLY A 116 11.16 13.84 14.46
CA GLY A 116 11.82 14.18 13.22
C GLY A 116 13.06 13.35 12.95
N MSE A 117 13.56 13.42 11.73
CA MSE A 117 14.70 12.59 11.35
C MSE A 117 15.97 12.94 12.11
O MSE A 117 16.39 14.10 12.17
CB MSE A 117 14.99 12.71 9.85
CG MSE A 117 16.23 11.94 9.44
SE MSE A 117 16.37 11.64 7.54
CE MSE A 117 16.72 13.48 6.99
N LYS A 118 16.58 11.91 12.69
CA LYS A 118 17.88 12.03 13.33
C LYS A 118 18.75 10.87 12.88
N HIS A 119 19.93 11.20 12.34
CA HIS A 119 20.90 10.19 11.94
C HIS A 119 20.32 9.20 10.93
N GLY A 120 19.45 9.72 10.05
CA GLY A 120 18.88 8.90 9.01
C GLY A 120 17.74 8.01 9.47
N THR A 121 17.26 8.23 10.69
CA THR A 121 16.10 7.49 11.18
C THR A 121 14.99 8.44 11.64
N VAL A 122 13.75 7.96 11.55
CA VAL A 122 12.58 8.74 11.92
C VAL A 122 11.79 7.98 12.99
N GLY A 123 11.32 8.69 14.01
CA GLY A 123 10.49 8.08 15.04
C GLY A 123 9.09 7.84 14.51
N ILE A 124 8.60 6.62 14.65
CA ILE A 124 7.32 6.19 14.09
C ILE A 124 6.46 5.47 15.14
N TYR A 125 5.15 5.71 15.09
CA TYR A 125 4.21 4.97 15.90
C TYR A 125 3.14 4.29 15.04
N PHE A 126 2.85 3.03 15.35
CA PHE A 126 1.79 2.30 14.68
C PHE A 126 0.63 2.08 15.63
N ARG A 127 -0.55 2.54 15.21
CA ARG A 127 -1.77 2.42 16.00
C ARG A 127 -2.26 0.98 16.07
N GLN A 128 -2.00 0.20 15.02
CA GLN A 128 -2.48 -1.17 14.99
C GLN A 128 -1.82 -2.02 16.08
N SER A 129 -0.50 -1.94 16.16
CA SER A 129 0.24 -2.71 17.15
C SER A 129 0.45 -1.93 18.43
N GLN A 130 0.06 -0.65 18.43
CA GLN A 130 0.35 0.28 19.53
C GLN A 130 1.85 0.26 19.80
N GLU A 131 2.64 0.22 18.73
CA GLU A 131 4.08 0.06 18.92
C GLU A 131 4.88 1.21 18.34
N LYS A 132 5.97 1.55 19.02
CA LYS A 132 6.79 2.70 18.66
C LYS A 132 8.22 2.29 18.36
N MSE A 133 8.81 2.86 17.32
CA MSE A 133 10.18 2.49 16.94
C MSE A 133 10.76 3.46 15.92
O MSE A 133 10.04 4.23 15.30
CB MSE A 133 10.20 1.09 16.35
CG MSE A 133 9.44 1.00 15.03
SE MSE A 133 9.07 -0.82 14.48
CE MSE A 133 7.45 -1.11 15.52
N ARG A 134 12.09 3.42 15.75
CA ARG A 134 12.70 4.25 14.74
C ARG A 134 12.93 3.47 13.45
N PHE A 135 12.61 4.10 12.34
CA PHE A 135 12.70 3.49 11.02
C PHE A 135 13.74 4.19 10.16
N GLY A 136 14.47 3.42 9.36
CA GLY A 136 15.38 3.99 8.38
C GLY A 136 14.60 4.82 7.39
N ARG A 137 15.17 5.96 7.00
CA ARG A 137 14.51 6.91 6.11
C ARG A 137 14.01 6.29 4.80
N GLN A 138 14.80 5.42 4.18
CA GLN A 138 14.43 4.92 2.87
C GLN A 138 13.37 3.81 2.95
N GLY A 139 12.96 3.47 4.18
CA GLY A 139 11.83 2.57 4.37
C GLY A 139 10.53 3.28 4.66
N LEU A 140 10.50 4.59 4.40
CA LEU A 140 9.33 5.41 4.71
C LEU A 140 8.84 6.20 3.51
N ARG A 141 7.53 6.44 3.46
CA ARG A 141 6.97 7.33 2.45
C ARG A 141 5.78 8.08 3.02
N LEU A 142 5.45 9.22 2.44
CA LEU A 142 4.24 9.94 2.82
C LEU A 142 3.02 9.14 2.37
N HIS A 143 2.03 9.00 3.25
CA HIS A 143 0.83 8.26 2.88
C HIS A 143 0.02 9.02 1.84
N LYS A 144 -0.43 8.32 0.81
CA LYS A 144 -1.29 8.90 -0.20
C LYS A 144 -2.48 7.99 -0.46
N ASP A 145 -3.61 8.58 -0.85
CA ASP A 145 -4.81 7.84 -1.19
C ASP A 145 -5.08 7.88 -2.69
N TRP A 146 -5.43 6.73 -3.23
CA TRP A 146 -5.83 6.58 -4.64
C TRP A 146 -7.34 6.75 -4.75
N VAL A 147 -7.76 7.89 -5.30
CA VAL A 147 -9.19 8.20 -5.39
C VAL A 147 -9.59 8.68 -6.78
N ASP A 148 -10.48 7.92 -7.42
CA ASP A 148 -11.04 8.29 -8.71
C ASP A 148 -9.95 8.63 -9.73
N GLY A 149 -8.93 7.79 -9.79
CA GLY A 149 -7.86 7.94 -10.75
C GLY A 149 -6.87 9.04 -10.42
N THR A 150 -6.87 9.50 -9.18
CA THR A 150 -5.98 10.59 -8.78
C THR A 150 -5.33 10.33 -7.43
N TRP A 151 -4.05 10.67 -7.29
CA TRP A 151 -3.36 10.58 -6.02
C TRP A 151 -3.61 11.82 -5.18
N GLN A 152 -3.97 11.62 -3.91
CA GLN A 152 -4.25 12.75 -3.03
C GLN A 152 -3.59 12.55 -1.67
N LEU A 153 -3.23 13.65 -1.03
CA LEU A 153 -2.76 13.60 0.37
C LEU A 153 -3.97 13.54 1.30
N PRO A 154 -3.77 13.09 2.55
CA PRO A 154 -4.90 13.03 3.48
C PRO A 154 -5.44 14.41 3.85
#